data_5HOD
#
_entry.id   5HOD
#
_cell.length_a   40.768
_cell.length_b   68.442
_cell.length_c   200.464
_cell.angle_alpha   90.00
_cell.angle_beta   90.00
_cell.angle_gamma   90.00
#
_symmetry.space_group_name_H-M   'C 2 2 21'
#
loop_
_entity.id
_entity.type
_entity.pdbx_description
1 polymer 'LIM/homeobox protein Lhx4'
2 polymer "DNA (5'-D(P*AP*CP*CP*TP*AP*AP*TP*TP*AP*GP*GP*CP*GP*TP*AP*AP*TP*TP*AP*G)-3')"
3 polymer "DNA (5'-D(P*CP*TP*AP*AP*TP*TP*AP*CP*GP*CP*CP*TP*AP*AP*TP*TP*AP*GP*GP*T)-3')"
4 water water
#
loop_
_entity_poly.entity_id
_entity_poly.type
_entity_poly.pdbx_seq_one_letter_code
_entity_poly.pdbx_strand_id
1 'polypeptide(L)' GAKRPRTTITAKQLETLKNAYKNSPKPARHVREQLSSETGLDMRVVQVWFQNRRAKEKRLK A,D
2 'polydeoxyribonucleotide' (DA)(DC)(DC)(DT)(DA)(DA)(DT)(DT)(DA)(DG)(DG)(DC)(DG)(DT)(DA)(DA)(DT)(DT)(DA)(DG) B
3 'polydeoxyribonucleotide' (DC)(DT)(DA)(DA)(DT)(DT)(DA)(DC)(DG)(DC)(DC)(DT)(DA)(DA)(DT)(DT)(DA)(DG)(DG)(DT) C
#
loop_
_chem_comp.id
_chem_comp.type
_chem_comp.name
_chem_comp.formula
DA DNA linking 2'-DEOXYADENOSINE-5'-MONOPHOSPHATE 'C10 H14 N5 O6 P'
DC DNA linking 2'-DEOXYCYTIDINE-5'-MONOPHOSPHATE 'C9 H14 N3 O7 P'
DG DNA linking 2'-DEOXYGUANOSINE-5'-MONOPHOSPHATE 'C10 H14 N5 O7 P'
DT DNA linking THYMIDINE-5'-MONOPHOSPHATE 'C10 H15 N2 O8 P'
#
# COMPACT_ATOMS: atom_id res chain seq x y z
N GLY A 1 -16.00 15.80 -8.91
CA GLY A 1 -14.85 15.62 -8.06
C GLY A 1 -15.23 15.13 -6.68
N ALA A 2 -14.48 14.18 -6.15
CA ALA A 2 -14.79 13.61 -4.84
C ALA A 2 -13.61 12.83 -4.25
N LYS A 3 -12.39 13.32 -4.48
CA LYS A 3 -11.17 12.68 -4.00
C LYS A 3 -10.94 11.30 -4.57
N ARG A 4 -9.76 11.07 -5.14
CA ARG A 4 -9.43 9.79 -5.74
C ARG A 4 -7.92 9.51 -5.68
N PRO A 5 -7.44 8.97 -4.54
CA PRO A 5 -6.02 8.64 -4.36
C PRO A 5 -5.70 7.20 -4.74
N ARG A 6 -4.41 6.87 -4.87
CA ARG A 6 -3.98 5.51 -5.17
C ARG A 6 -4.39 4.55 -4.06
N THR A 7 -4.23 3.25 -4.31
CA THR A 7 -4.71 2.22 -3.40
C THR A 7 -3.62 1.26 -2.94
N THR A 8 -2.88 0.71 -3.88
CA THR A 8 -1.94 -0.39 -3.64
C THR A 8 -2.75 -1.65 -3.38
N ILE A 9 -2.35 -2.77 -3.99
CA ILE A 9 -3.26 -3.89 -4.19
C ILE A 9 -2.93 -5.14 -3.38
N THR A 10 -1.66 -5.38 -3.08
CA THR A 10 -1.25 -6.61 -2.38
C THR A 10 -1.35 -7.82 -3.31
N ALA A 11 -0.35 -8.70 -3.18
CA ALA A 11 -0.24 -9.90 -4.00
C ALA A 11 -1.50 -10.75 -3.96
N LYS A 12 -2.25 -10.66 -2.86
CA LYS A 12 -3.44 -11.48 -2.70
C LYS A 12 -4.60 -11.01 -3.59
N GLN A 13 -5.01 -9.75 -3.40
CA GLN A 13 -6.06 -9.18 -4.23
C GLN A 13 -5.63 -9.26 -5.68
N LEU A 14 -4.34 -8.99 -5.93
CA LEU A 14 -3.79 -9.12 -7.27
C LEU A 14 -4.01 -10.53 -7.80
N GLU A 15 -3.56 -11.53 -7.05
CA GLU A 15 -3.67 -12.91 -7.48
C GLU A 15 -5.11 -13.29 -7.75
N THR A 16 -6.01 -12.81 -6.89
CA THR A 16 -7.43 -13.10 -7.05
C THR A 16 -7.94 -12.48 -8.36
N LEU A 17 -7.56 -11.24 -8.61
CA LEU A 17 -7.95 -10.56 -9.85
C LEU A 17 -7.38 -11.29 -11.07
N LYS A 18 -6.07 -11.57 -11.04
CA LYS A 18 -5.40 -12.30 -12.12
C LYS A 18 -6.08 -13.64 -12.38
N ASN A 19 -6.46 -14.34 -11.31
CA ASN A 19 -7.19 -15.58 -11.47
C ASN A 19 -8.54 -15.31 -12.13
N ALA A 20 -9.20 -14.25 -11.71
CA ALA A 20 -10.46 -13.83 -12.34
C ALA A 20 -10.26 -13.22 -13.72
N TYR A 21 -9.04 -12.81 -14.05
CA TYR A 21 -8.77 -12.21 -15.35
C TYR A 21 -8.94 -13.24 -16.47
N LYS A 22 -8.48 -14.46 -16.21
CA LYS A 22 -8.81 -15.60 -17.05
C LYS A 22 -10.33 -15.77 -16.95
N ASN A 23 -10.89 -16.82 -17.52
CA ASN A 23 -12.35 -17.00 -17.47
C ASN A 23 -13.10 -15.86 -18.16
N SER A 24 -12.88 -14.62 -17.71
CA SER A 24 -13.53 -13.46 -18.32
C SER A 24 -12.71 -12.19 -18.12
N PRO A 25 -12.03 -11.71 -19.17
CA PRO A 25 -11.21 -10.50 -19.02
C PRO A 25 -12.05 -9.22 -19.14
N LYS A 26 -13.34 -9.39 -19.44
CA LYS A 26 -14.27 -8.29 -19.52
C LYS A 26 -15.53 -8.66 -18.73
N PRO A 27 -15.39 -8.75 -17.40
CA PRO A 27 -16.50 -9.14 -16.53
C PRO A 27 -17.63 -8.12 -16.56
N ALA A 28 -18.88 -8.58 -16.47
CA ALA A 28 -19.99 -7.64 -16.32
C ALA A 28 -20.09 -7.23 -14.85
N ARG A 29 -21.18 -6.55 -14.50
CA ARG A 29 -21.35 -5.95 -13.18
C ARG A 29 -21.25 -6.95 -12.03
N HIS A 30 -22.08 -8.00 -12.07
CA HIS A 30 -22.16 -8.99 -10.99
C HIS A 30 -20.78 -9.51 -10.59
N VAL A 31 -20.02 -9.91 -11.61
CA VAL A 31 -18.73 -10.54 -11.44
C VAL A 31 -17.76 -9.56 -10.76
N ARG A 32 -17.85 -8.29 -11.18
CA ARG A 32 -17.06 -7.24 -10.56
C ARG A 32 -17.54 -6.99 -9.14
N GLU A 33 -18.84 -7.17 -8.92
CA GLU A 33 -19.40 -6.97 -7.59
C GLU A 33 -18.84 -8.00 -6.63
N GLN A 34 -18.87 -9.27 -7.04
CA GLN A 34 -18.36 -10.33 -6.17
C GLN A 34 -16.84 -10.30 -6.08
N LEU A 35 -16.15 -9.82 -7.12
CA LEU A 35 -14.72 -9.60 -7.00
C LEU A 35 -14.42 -8.50 -5.99
N SER A 36 -15.16 -7.40 -6.07
CA SER A 36 -15.05 -6.33 -5.09
C SER A 36 -15.32 -6.88 -3.70
N SER A 37 -16.34 -7.73 -3.60
CA SER A 37 -16.67 -8.38 -2.35
C SER A 37 -15.52 -9.27 -1.85
N GLU A 38 -14.93 -10.06 -2.74
CA GLU A 38 -13.86 -10.96 -2.32
C GLU A 38 -12.60 -10.19 -1.95
N THR A 39 -12.38 -9.05 -2.60
CA THR A 39 -11.17 -8.26 -2.38
C THR A 39 -11.34 -7.12 -1.37
N GLY A 40 -12.52 -6.52 -1.34
CA GLY A 40 -12.76 -5.36 -0.50
C GLY A 40 -12.60 -4.05 -1.26
N LEU A 41 -12.08 -4.12 -2.47
CA LEU A 41 -11.78 -2.93 -3.25
C LEU A 41 -13.02 -2.24 -3.79
N ASP A 42 -12.90 -0.93 -3.99
CA ASP A 42 -13.95 -0.15 -4.61
C ASP A 42 -14.19 -0.67 -6.03
N MET A 43 -15.43 -0.61 -6.50
CA MET A 43 -15.79 -1.09 -7.83
C MET A 43 -14.90 -0.46 -8.89
N ARG A 44 -14.86 0.87 -8.88
CA ARG A 44 -14.10 1.63 -9.86
C ARG A 44 -12.65 1.15 -9.94
N VAL A 45 -12.12 0.68 -8.81
CA VAL A 45 -10.73 0.22 -8.75
C VAL A 45 -10.62 -1.12 -9.47
N VAL A 46 -11.58 -2.01 -9.22
CA VAL A 46 -11.65 -3.28 -9.92
C VAL A 46 -11.76 -3.03 -11.42
N GLN A 47 -12.69 -2.16 -11.80
CA GLN A 47 -12.95 -1.85 -13.19
C GLN A 47 -11.71 -1.31 -13.87
N VAL A 48 -11.17 -0.22 -13.31
CA VAL A 48 -9.98 0.42 -13.85
C VAL A 48 -8.83 -0.60 -13.94
N TRP A 49 -8.71 -1.46 -12.93
CA TRP A 49 -7.72 -2.54 -13.00
C TRP A 49 -7.94 -3.41 -14.24
N PHE A 50 -9.15 -3.93 -14.41
CA PHE A 50 -9.42 -4.81 -15.55
C PHE A 50 -9.16 -4.12 -16.89
N GLN A 51 -9.64 -2.88 -17.01
CA GLN A 51 -9.31 -2.05 -18.16
C GLN A 51 -7.80 -2.05 -18.40
N ASN A 52 -7.07 -1.71 -17.34
CA ASN A 52 -5.63 -1.62 -17.42
C ASN A 52 -4.97 -2.94 -17.80
N ARG A 53 -5.53 -4.07 -17.34
CA ARG A 53 -4.96 -5.37 -17.72
C ARG A 53 -5.23 -5.70 -19.18
N ARG A 54 -6.45 -5.45 -19.65
CA ARG A 54 -6.75 -5.61 -21.07
C ARG A 54 -5.76 -4.79 -21.90
N ALA A 55 -5.63 -3.53 -21.53
CA ALA A 55 -4.67 -2.64 -22.18
C ALA A 55 -3.27 -3.25 -22.13
N LYS A 56 -2.85 -3.72 -20.96
CA LYS A 56 -1.52 -4.31 -20.79
C LYS A 56 -1.30 -5.51 -21.71
N GLU A 57 -2.23 -6.47 -21.69
CA GLU A 57 -2.06 -7.69 -22.48
C GLU A 57 -2.09 -7.38 -23.97
N LYS A 58 -2.94 -6.44 -24.39
CA LYS A 58 -2.92 -6.02 -25.78
C LYS A 58 -1.67 -5.23 -26.11
N ARG A 59 -1.16 -4.50 -25.12
CA ARG A 59 0.03 -3.67 -25.29
C ARG A 59 1.21 -4.48 -25.81
N LEU A 60 1.29 -5.75 -25.39
CA LEU A 60 2.32 -6.65 -25.89
C LEU A 60 1.87 -8.12 -25.88
N LYS A 61 1.94 -8.82 -27.01
CA LYS A 61 2.34 -8.27 -28.31
C LYS A 61 2.04 -9.29 -29.41
N ARG D 4 13.79 25.64 10.97
CA ARG D 4 12.71 24.67 11.15
C ARG D 4 13.24 23.36 11.73
N PRO D 5 12.43 22.67 12.57
CA PRO D 5 12.78 21.36 13.13
C PRO D 5 13.11 20.35 12.02
N ARG D 6 13.85 19.25 12.25
CA ARG D 6 14.38 18.79 13.55
C ARG D 6 13.27 18.63 14.59
N THR D 7 12.18 18.01 14.17
CA THR D 7 10.96 17.86 14.95
C THR D 7 11.09 17.02 16.22
N THR D 8 12.32 16.79 16.69
CA THR D 8 12.55 16.05 17.94
C THR D 8 12.12 14.59 17.78
N ILE D 9 12.43 13.77 18.79
CA ILE D 9 12.20 12.33 18.71
C ILE D 9 11.68 11.74 20.01
N THR D 10 12.32 12.07 21.12
CA THR D 10 12.05 11.46 22.43
C THR D 10 12.49 10.00 22.44
N ALA D 11 12.88 9.51 23.61
CA ALA D 11 13.32 8.12 23.74
C ALA D 11 12.18 7.15 23.46
N LYS D 12 11.07 7.32 24.18
CA LYS D 12 9.93 6.40 24.14
C LYS D 12 9.39 6.14 22.72
N GLN D 13 9.17 7.21 21.97
CA GLN D 13 8.65 7.09 20.62
C GLN D 13 9.65 6.29 19.78
N LEU D 14 10.92 6.64 19.92
CA LEU D 14 11.99 5.95 19.22
C LEU D 14 12.03 4.48 19.66
N GLU D 15 11.75 4.23 20.93
CA GLU D 15 11.67 2.86 21.43
C GLU D 15 10.62 2.11 20.63
N THR D 16 9.40 2.63 20.68
CA THR D 16 8.30 2.12 19.85
C THR D 16 8.76 1.95 18.41
N LEU D 17 9.58 2.90 17.96
CA LEU D 17 10.01 2.94 16.56
C LEU D 17 10.95 1.79 16.17
N LYS D 18 12.06 1.58 16.89
CA LYS D 18 12.92 0.45 16.52
C LYS D 18 12.15 -0.84 16.78
N ASN D 19 11.30 -0.83 17.80
CA ASN D 19 10.41 -1.96 18.01
C ASN D 19 9.58 -2.20 16.75
N ALA D 20 9.14 -1.10 16.13
CA ALA D 20 8.42 -1.19 14.86
C ALA D 20 9.32 -1.58 13.69
N TYR D 21 10.61 -1.22 13.76
CA TYR D 21 11.54 -1.59 12.69
C TYR D 21 11.54 -3.09 12.41
N LYS D 22 11.44 -3.89 13.46
CA LYS D 22 11.39 -5.35 13.32
C LYS D 22 10.05 -5.75 12.70
N ASN D 23 9.98 -6.97 12.19
CA ASN D 23 8.78 -7.53 11.55
C ASN D 23 8.50 -6.93 10.17
N SER D 24 8.94 -5.70 9.94
CA SER D 24 8.73 -5.02 8.67
C SER D 24 9.83 -3.98 8.43
N PRO D 25 10.70 -4.21 7.44
CA PRO D 25 11.76 -3.23 7.20
C PRO D 25 11.19 -1.92 6.66
N LYS D 26 10.22 -2.04 5.74
CA LYS D 26 9.60 -0.89 5.10
C LYS D 26 8.11 -1.14 4.90
N PRO D 27 7.26 -0.47 5.69
CA PRO D 27 5.86 -0.88 5.78
C PRO D 27 4.89 -0.16 4.85
N ALA D 28 3.61 -0.51 4.96
CA ALA D 28 2.55 0.11 4.18
C ALA D 28 1.87 1.22 4.97
N ARG D 29 0.99 1.96 4.30
CA ARG D 29 0.40 3.17 4.88
C ARG D 29 -0.42 2.90 6.14
N HIS D 30 -1.04 1.73 6.21
CA HIS D 30 -1.75 1.32 7.42
C HIS D 30 -0.81 1.38 8.61
N VAL D 31 0.33 0.70 8.45
CA VAL D 31 1.36 0.65 9.48
C VAL D 31 1.80 2.06 9.82
N ARG D 32 2.17 2.82 8.79
CA ARG D 32 2.64 4.18 8.97
C ARG D 32 1.59 5.02 9.70
N GLU D 33 0.32 4.73 9.44
CA GLU D 33 -0.77 5.47 10.07
C GLU D 33 -0.91 5.13 11.55
N GLN D 34 -1.14 3.86 11.86
CA GLN D 34 -1.34 3.46 13.26
C GLN D 34 -0.08 3.79 14.06
N LEU D 35 1.07 3.60 13.43
CA LEU D 35 2.34 4.00 14.01
C LEU D 35 2.35 5.50 14.27
N SER D 36 2.01 6.27 13.24
CA SER D 36 1.92 7.73 13.35
C SER D 36 0.98 8.13 14.48
N SER D 37 -0.08 7.35 14.68
CA SER D 37 -1.03 7.60 15.76
C SER D 37 -0.41 7.31 17.13
N GLU D 38 0.23 6.15 17.26
CA GLU D 38 0.86 5.79 18.53
C GLU D 38 1.96 6.79 18.89
N THR D 39 2.68 7.25 17.87
CA THR D 39 3.71 8.27 18.06
C THR D 39 3.07 9.64 18.30
N GLY D 40 2.26 10.07 17.34
CA GLY D 40 1.59 11.36 17.42
C GLY D 40 2.22 12.41 16.53
N LEU D 41 3.00 11.95 15.56
CA LEU D 41 3.71 12.83 14.63
C LEU D 41 3.27 12.55 13.20
N ASP D 42 3.46 13.52 12.32
CA ASP D 42 2.99 13.41 10.93
C ASP D 42 3.68 12.27 10.20
N MET D 43 3.07 11.84 9.09
CA MET D 43 3.59 10.72 8.30
C MET D 43 4.94 11.05 7.68
N ARG D 44 5.16 12.32 7.36
CA ARG D 44 6.45 12.79 6.90
C ARG D 44 7.51 12.40 7.93
N VAL D 45 7.21 12.69 9.19
CA VAL D 45 8.14 12.45 10.29
C VAL D 45 8.51 10.97 10.38
N VAL D 46 7.54 10.10 10.16
CA VAL D 46 7.75 8.66 10.22
C VAL D 46 8.55 8.17 9.03
N GLN D 47 8.06 8.50 7.83
CA GLN D 47 8.68 8.08 6.59
C GLN D 47 10.14 8.54 6.53
N VAL D 48 10.40 9.76 6.98
CA VAL D 48 11.77 10.28 6.96
C VAL D 48 12.71 9.43 7.82
N TRP D 49 12.31 9.15 9.06
CA TRP D 49 13.14 8.34 9.94
C TRP D 49 13.36 6.97 9.31
N PHE D 50 12.26 6.34 8.88
CA PHE D 50 12.37 5.05 8.21
C PHE D 50 13.34 5.12 7.04
N GLN D 51 13.28 6.21 6.29
CA GLN D 51 14.19 6.42 5.17
C GLN D 51 15.64 6.51 5.63
N ASN D 52 15.92 7.42 6.56
CA ASN D 52 17.28 7.62 7.03
C ASN D 52 17.82 6.38 7.72
N ARG D 53 16.94 5.53 8.21
CA ARG D 53 17.34 4.22 8.69
C ARG D 53 17.61 3.30 7.50
N ARG D 54 16.80 3.47 6.45
CA ARG D 54 17.01 2.73 5.21
C ARG D 54 18.35 3.09 4.57
N ALA D 55 18.84 4.29 4.89
CA ALA D 55 20.14 4.75 4.42
C ALA D 55 21.15 4.74 5.55
N LYS D 56 21.28 3.59 6.22
CA LYS D 56 22.19 3.46 7.35
C LYS D 56 22.50 1.99 7.65
N GLU D 57 21.46 1.17 7.71
CA GLU D 57 21.64 -0.25 8.00
C GLU D 57 22.54 -0.91 6.96
N LYS D 58 22.38 -0.47 5.70
CA LYS D 58 23.21 -0.99 4.61
C LYS D 58 24.54 -0.26 4.55
N ARG D 59 24.58 0.96 5.05
CA ARG D 59 25.78 1.79 5.01
C ARG D 59 26.99 1.07 5.61
N LEU D 60 26.75 0.24 6.61
CA LEU D 60 27.82 -0.55 7.23
C LEU D 60 27.78 -2.00 6.76
N LYS D 61 26.57 -2.53 6.61
CA LYS D 61 26.39 -3.90 6.14
C LYS D 61 26.84 -4.05 4.69
#